data_3QKL
#
_entry.id   3QKL
#
_cell.length_a   42.741
_cell.length_b   55.720
_cell.length_c   91.019
_cell.angle_alpha   90.00
_cell.angle_beta   101.84
_cell.angle_gamma   90.00
#
_symmetry.space_group_name_H-M   'P 1 21 1'
#
loop_
_entity.id
_entity.type
_entity.pdbx_description
1 polymer 'RAC-alpha serine/threonine-protein kinase'
2 polymer 'Glycogen synthase kinase-3 beta'
3 non-polymer "N-{(2S)-3-[(3S)-8',9'-dihydro-1H,3'H-spiro[piperidine-3,7'-pyrano[3,2-e]indazol]-1-yl]-2-hydroxypropyl}-N-(2-ethoxyethyl)-2,6-dimethylbenzenesulfonamide"
4 water water
#
loop_
_entity_poly.entity_id
_entity_poly.type
_entity_poly.pdbx_seq_one_letter_code
_entity_poly.pdbx_strand_id
1 'polypeptide(L)'
;GAMARVTMNEFEYLKLLGKGTFGKVILVKEKATGRYYAMKILKKEVIVAKDEVAHTLTENRVLQNSRHPFLTALKYSFQT
HDRLCFVMEYANGGELFFHLSRERVFSEDRARFYGAEIVSALDYLHSEKNVVYRDLKLENLMLDKDGHIKITDFGLCKEG
IKDGATMK(TPO)FCGTPEYLAPEVLEDNDYGRAVDWWGLGVVMYEMMCGRLPFYNQDHEKLFELILMEEIRFPRTLGPE
AKSLLSGLLKKDPKQRLGGGSEDAKEIMQHRFFAGIVWQHVYEKKLSPPFKPQVTSETDTRYFDEEFTAQMITITPPDQD
DSMECVDSERRPHFPQFDYSASSTA
;
A
2 'polypeptide(L)' GRPRTTSFAE C
#
loop_
_chem_comp.id
_chem_comp.type
_chem_comp.name
_chem_comp.formula
SMR non-polymer N-{(2S)-3-[(3S)-8',9'-dihydro-1H,3'H-spiro[piperidine-3,7'-pyrano[3,2-e]indazol]-1-yl]-2-hydroxypropyl}-N-(2-ethoxyethyl)-2,6-dimethylbenzenesulfonamide 'C29 H40 N4 O5 S'
#
# COMPACT_ATOMS: atom_id res chain seq x y z
N ARG A 5 3.62 -7.84 25.99
CA ARG A 5 2.32 -8.51 26.27
C ARG A 5 2.26 -9.96 25.74
N VAL A 6 2.36 -10.14 24.42
CA VAL A 6 2.08 -11.46 23.82
C VAL A 6 3.29 -12.21 23.22
N THR A 7 3.10 -13.53 23.04
CA THR A 7 4.09 -14.43 22.42
C THR A 7 3.44 -15.24 21.30
N MET A 8 4.23 -16.10 20.66
CA MET A 8 3.74 -17.04 19.63
C MET A 8 2.57 -17.92 20.11
N ASN A 9 2.59 -18.27 21.39
CA ASN A 9 1.56 -19.14 21.96
C ASN A 9 0.23 -18.51 22.36
N GLU A 10 0.10 -17.20 22.20
CA GLU A 10 -1.19 -16.54 22.42
C GLU A 10 -2.11 -16.62 21.19
N PHE A 11 -1.67 -17.33 20.16
CA PHE A 11 -2.38 -17.39 18.88
C PHE A 11 -2.54 -18.80 18.30
N GLU A 12 -3.70 -19.02 17.66
CA GLU A 12 -3.92 -20.18 16.80
C GLU A 12 -3.62 -19.78 15.35
N TYR A 13 -2.96 -20.68 14.63
CA TYR A 13 -2.49 -20.45 13.27
C TYR A 13 -3.37 -21.20 12.27
N LEU A 14 -4.22 -20.45 11.57
CA LEU A 14 -5.33 -21.05 10.82
C LEU A 14 -5.04 -21.24 9.35
N LYS A 15 -4.88 -20.15 8.61
CA LYS A 15 -4.70 -20.21 7.16
C LYS A 15 -3.50 -19.36 6.70
N LEU A 16 -2.73 -19.89 5.76
CA LEU A 16 -1.67 -19.11 5.11
C LEU A 16 -2.30 -18.12 4.11
N LEU A 17 -2.03 -16.82 4.30
CA LEU A 17 -2.52 -15.78 3.40
C LEU A 17 -1.53 -15.49 2.25
N GLY A 18 -0.25 -15.41 2.56
CA GLY A 18 0.78 -15.28 1.54
C GLY A 18 2.16 -15.61 2.05
N LYS A 19 3.10 -15.76 1.13
CA LYS A 19 4.48 -16.07 1.50
C LYS A 19 5.43 -15.44 0.49
N GLY A 20 6.55 -14.92 0.96
CA GLY A 20 7.57 -14.35 0.09
C GLY A 20 8.95 -14.61 0.66
N THR A 21 9.94 -13.96 0.06
CA THR A 21 11.35 -14.14 0.45
C THR A 21 11.60 -13.97 1.94
N PHE A 22 10.92 -12.99 2.56
CA PHE A 22 11.18 -12.61 3.96
C PHE A 22 10.32 -13.31 4.99
N GLY A 23 9.29 -13.99 4.53
CA GLY A 23 8.45 -14.73 5.45
C GLY A 23 7.05 -14.94 4.92
N LYS A 24 6.08 -14.87 5.84
CA LYS A 24 4.72 -15.24 5.50
C LYS A 24 3.72 -14.44 6.30
N VAL A 25 2.49 -14.41 5.81
CA VAL A 25 1.36 -13.83 6.56
C VAL A 25 0.33 -14.94 6.79
N ILE A 26 -0.02 -15.14 8.06
CA ILE A 26 -0.96 -16.20 8.48
C ILE A 26 -2.16 -15.57 9.16
N LEU A 27 -3.34 -16.01 8.75
CA LEU A 27 -4.57 -15.68 9.46
C LEU A 27 -4.52 -16.42 10.81
N VAL A 28 -4.56 -15.65 11.89
CA VAL A 28 -4.48 -16.17 13.25
C VAL A 28 -5.71 -15.79 14.06
N LYS A 29 -5.92 -16.50 15.16
CA LYS A 29 -6.96 -16.16 16.11
C LYS A 29 -6.30 -15.97 17.47
N GLU A 30 -6.65 -14.86 18.14
CA GLU A 30 -6.16 -14.59 19.48
C GLU A 30 -6.95 -15.44 20.48
N LYS A 31 -6.25 -16.36 21.15
CA LYS A 31 -6.85 -17.31 22.09
C LYS A 31 -7.73 -16.65 23.14
N ALA A 32 -7.22 -15.57 23.73
CA ALA A 32 -7.87 -14.87 24.82
C ALA A 32 -9.13 -14.06 24.43
N THR A 33 -9.24 -13.67 23.16
CA THR A 33 -10.35 -12.80 22.73
C THR A 33 -11.25 -13.41 21.66
N GLY A 34 -10.79 -14.46 21.01
CA GLY A 34 -11.49 -15.03 19.85
C GLY A 34 -11.39 -14.18 18.58
N ARG A 35 -10.74 -13.02 18.67
CA ARG A 35 -10.55 -12.11 17.53
C ARG A 35 -9.53 -12.60 16.50
N TYR A 36 -9.84 -12.40 15.23
CA TYR A 36 -8.95 -12.77 14.13
C TYR A 36 -8.05 -11.59 13.72
N TYR A 37 -6.80 -11.90 13.38
CA TYR A 37 -5.80 -10.92 12.95
C TYR A 37 -4.98 -11.56 11.82
N ALA A 38 -4.15 -10.75 11.17
CA ALA A 38 -3.14 -11.27 10.26
C ALA A 38 -1.74 -11.07 10.89
N MET A 39 -0.99 -12.16 11.02
CA MET A 39 0.34 -12.09 11.61
C MET A 39 1.40 -12.22 10.53
N LYS A 40 2.17 -11.15 10.36
CA LYS A 40 3.29 -11.17 9.45
C LYS A 40 4.50 -11.70 10.22
N ILE A 41 5.06 -12.81 9.73
CA ILE A 41 6.17 -13.51 10.38
C ILE A 41 7.40 -13.49 9.49
N LEU A 42 8.38 -12.67 9.88
CA LEU A 42 9.59 -12.48 9.10
C LEU A 42 10.77 -13.25 9.70
N LYS A 43 11.61 -13.80 8.83
CA LYS A 43 12.82 -14.52 9.23
C LYS A 43 13.96 -13.54 9.51
N LYS A 44 14.39 -13.48 10.77
CA LYS A 44 15.45 -12.55 11.18
C LYS A 44 16.73 -12.69 10.32
N GLU A 45 17.12 -13.92 10.02
CA GLU A 45 18.34 -14.16 9.22
C GLU A 45 18.26 -13.57 7.81
N VAL A 46 17.08 -13.70 7.18
CA VAL A 46 16.81 -13.12 5.85
C VAL A 46 16.84 -11.59 5.94
N ILE A 47 16.14 -11.03 6.92
CA ILE A 47 16.10 -9.59 7.12
C ILE A 47 17.51 -9.01 7.28
N VAL A 48 18.31 -9.63 8.13
CA VAL A 48 19.73 -9.24 8.30
C VAL A 48 20.53 -9.42 7.00
N ALA A 49 20.41 -10.60 6.38
CA ALA A 49 21.16 -10.94 5.15
C ALA A 49 20.88 -9.98 3.99
N LYS A 50 19.64 -9.47 3.93
CA LYS A 50 19.23 -8.58 2.85
C LYS A 50 19.31 -7.12 3.26
N ASP A 51 19.79 -6.87 4.49
CA ASP A 51 20.01 -5.51 4.98
C ASP A 51 18.66 -4.76 5.16
N GLU A 52 17.65 -5.48 5.66
CA GLU A 52 16.26 -4.98 5.76
C GLU A 52 15.88 -4.50 7.16
N VAL A 53 16.88 -4.51 8.05
CA VAL A 53 16.64 -4.21 9.48
C VAL A 53 16.00 -2.83 9.72
N ALA A 54 16.56 -1.77 9.12
CA ALA A 54 16.03 -0.41 9.34
C ALA A 54 14.62 -0.27 8.75
N HIS A 55 14.36 -0.96 7.63
CA HIS A 55 13.02 -0.98 7.02
C HIS A 55 11.98 -1.59 7.96
N THR A 56 12.32 -2.74 8.53
CA THR A 56 11.41 -3.41 9.48
C THR A 56 11.11 -2.52 10.70
N LEU A 57 12.14 -1.86 11.24
CA LEU A 57 11.94 -0.95 12.38
C LEU A 57 11.13 0.29 11.97
N THR A 58 11.35 0.77 10.75
CA THR A 58 10.52 1.87 10.19
C THR A 58 9.07 1.41 10.03
N GLU A 59 8.84 0.25 9.41
CA GLU A 59 7.44 -0.20 9.31
C GLU A 59 6.76 -0.21 10.69
N ASN A 60 7.48 -0.77 11.69
CA ASN A 60 6.98 -0.86 13.07
C ASN A 60 6.58 0.50 13.65
N ARG A 61 7.46 1.51 13.51
CA ARG A 61 7.18 2.84 14.03
C ARG A 61 6.02 3.50 13.32
N VAL A 62 6.03 3.41 11.99
CA VAL A 62 4.95 4.04 11.23
C VAL A 62 3.60 3.42 11.58
N LEU A 63 3.52 2.09 11.66
CA LEU A 63 2.27 1.42 12.06
C LEU A 63 1.82 1.85 13.45
N GLN A 64 2.75 1.88 14.42
CA GLN A 64 2.44 2.26 15.81
C GLN A 64 1.91 3.67 15.93
N ASN A 65 2.57 4.59 15.24
CA ASN A 65 2.30 6.03 15.30
C ASN A 65 1.09 6.49 14.49
N SER A 66 0.57 5.63 13.60
CA SER A 66 -0.53 6.08 12.75
C SER A 66 -1.88 5.52 13.21
N ARG A 67 -2.90 6.38 13.14
CA ARG A 67 -4.28 5.99 13.36
C ARG A 67 -5.15 6.61 12.28
N HIS A 68 -5.57 5.82 11.31
CA HIS A 68 -6.36 6.33 10.20
C HIS A 68 -7.26 5.19 9.66
N PRO A 69 -8.52 5.50 9.27
CA PRO A 69 -9.41 4.45 8.73
C PRO A 69 -8.81 3.66 7.53
N PHE A 70 -7.96 4.31 6.72
CA PHE A 70 -7.44 3.61 5.51
C PHE A 70 -5.97 3.15 5.60
N LEU A 71 -5.42 3.22 6.82
CA LEU A 71 -4.11 2.59 7.07
C LEU A 71 -4.28 1.31 7.91
N THR A 72 -3.64 0.22 7.51
CA THR A 72 -3.66 -1.04 8.28
C THR A 72 -3.25 -0.78 9.74
N ALA A 73 -4.11 -1.19 10.69
CA ALA A 73 -3.81 -1.06 12.12
C ALA A 73 -2.99 -2.22 12.67
N LEU A 74 -2.06 -1.89 13.58
CA LEU A 74 -1.20 -2.86 14.27
C LEU A 74 -1.70 -3.04 15.71
N LYS A 75 -1.83 -4.29 16.16
CA LYS A 75 -2.25 -4.60 17.53
C LYS A 75 -1.04 -4.98 18.40
N TYR A 76 -0.19 -5.87 17.89
CA TYR A 76 1.00 -6.37 18.60
C TYR A 76 2.21 -6.49 17.70
N SER A 77 3.37 -6.16 18.24
CA SER A 77 4.65 -6.62 17.69
C SER A 77 5.39 -7.35 18.80
N PHE A 78 6.06 -8.43 18.44
CA PHE A 78 6.98 -9.13 19.33
C PHE A 78 7.97 -9.90 18.45
N GLN A 79 8.96 -10.50 19.10
CA GLN A 79 10.00 -11.26 18.41
C GLN A 79 10.37 -12.55 19.15
N THR A 80 10.93 -13.50 18.40
CA THR A 80 11.58 -14.66 18.98
C THR A 80 13.08 -14.57 18.69
N HIS A 81 13.79 -15.67 18.98
CA HIS A 81 15.22 -15.84 18.65
C HIS A 81 15.48 -15.69 17.13
N ASP A 82 14.56 -16.23 16.32
CA ASP A 82 14.71 -16.20 14.87
C ASP A 82 13.53 -15.56 14.11
N ARG A 83 12.58 -14.92 14.81
CA ARG A 83 11.40 -14.37 14.13
C ARG A 83 10.97 -12.99 14.59
N LEU A 84 10.41 -12.22 13.65
CA LEU A 84 9.76 -10.93 13.94
C LEU A 84 8.31 -11.04 13.53
N CYS A 85 7.41 -10.64 14.43
CA CYS A 85 5.99 -10.83 14.22
C CYS A 85 5.25 -9.52 14.38
N PHE A 86 4.45 -9.20 13.35
CA PHE A 86 3.51 -8.09 13.35
C PHE A 86 2.11 -8.72 13.34
N VAL A 87 1.33 -8.41 14.36
CA VAL A 87 -0.07 -8.82 14.43
C VAL A 87 -0.92 -7.63 14.04
N MET A 88 -1.42 -7.66 12.81
CA MET A 88 -2.19 -6.56 12.23
C MET A 88 -3.65 -6.95 12.06
N GLU A 89 -4.52 -5.96 11.97
CA GLU A 89 -5.91 -6.25 11.62
C GLU A 89 -6.01 -7.03 10.30
N TYR A 90 -6.92 -8.00 10.29
CA TYR A 90 -7.16 -8.85 9.13
C TYR A 90 -8.10 -8.16 8.13
N ALA A 91 -7.70 -8.16 6.86
CA ALA A 91 -8.48 -7.52 5.80
C ALA A 91 -8.97 -8.65 4.91
N ASN A 92 -10.22 -9.07 5.12
CA ASN A 92 -10.74 -10.26 4.42
C ASN A 92 -10.87 -10.11 2.89
N GLY A 93 -10.81 -8.86 2.40
CA GLY A 93 -10.96 -8.54 0.98
C GLY A 93 -9.74 -8.77 0.12
N GLY A 94 -8.61 -9.13 0.75
CA GLY A 94 -7.37 -9.36 -0.01
C GLY A 94 -6.79 -8.06 -0.61
N GLU A 95 -5.90 -8.21 -1.57
CA GLU A 95 -5.22 -7.11 -2.27
C GLU A 95 -6.04 -6.66 -3.44
N LEU A 96 -5.95 -5.37 -3.79
CA LEU A 96 -6.52 -4.87 -5.05
C LEU A 96 -5.98 -5.65 -6.25
N PHE A 97 -4.71 -6.04 -6.15
CA PHE A 97 -4.04 -6.89 -7.13
C PHE A 97 -4.87 -8.18 -7.39
N PHE A 98 -5.43 -8.77 -6.33
CA PHE A 98 -6.25 -9.98 -6.45
C PHE A 98 -7.45 -9.68 -7.37
N HIS A 99 -8.16 -8.59 -7.08
CA HIS A 99 -9.38 -8.21 -7.80
C HIS A 99 -9.14 -7.80 -9.26
N LEU A 100 -8.17 -6.92 -9.47
CA LEU A 100 -7.75 -6.52 -10.82
C LEU A 100 -7.10 -7.64 -11.64
N SER A 101 -6.67 -8.72 -10.98
CA SER A 101 -6.19 -9.89 -11.71
C SER A 101 -7.40 -10.68 -12.27
N ARG A 102 -8.60 -10.34 -11.82
CA ARG A 102 -9.80 -11.10 -12.18
C ARG A 102 -10.85 -10.28 -12.95
N GLU A 103 -10.99 -9.00 -12.62
CA GLU A 103 -11.89 -8.03 -13.28
C GLU A 103 -11.32 -7.37 -14.53
N ARG A 104 -10.02 -7.10 -14.51
CA ARG A 104 -9.36 -6.32 -15.56
C ARG A 104 -9.51 -4.79 -15.46
N VAL A 105 -10.71 -4.27 -15.24
CA VAL A 105 -10.91 -2.81 -15.11
C VAL A 105 -11.99 -2.54 -14.03
N PHE A 106 -11.78 -1.51 -13.20
CA PHE A 106 -12.88 -0.99 -12.36
C PHE A 106 -13.58 0.16 -13.08
N SER A 107 -14.87 0.34 -12.80
CA SER A 107 -15.62 1.51 -13.25
C SER A 107 -14.96 2.80 -12.71
N GLU A 108 -15.20 3.92 -13.37
CA GLU A 108 -14.67 5.19 -12.84
C GLU A 108 -15.20 5.51 -11.44
N ASP A 109 -16.46 5.18 -11.16
CA ASP A 109 -17.04 5.37 -9.81
C ASP A 109 -16.31 4.55 -8.75
N ARG A 110 -16.04 3.28 -9.07
CA ARG A 110 -15.35 2.38 -8.16
C ARG A 110 -13.90 2.83 -7.92
N ALA A 111 -13.21 3.21 -9.00
CA ALA A 111 -11.82 3.72 -8.94
C ALA A 111 -11.75 5.04 -8.17
N ARG A 112 -12.77 5.90 -8.35
CA ARG A 112 -12.90 7.17 -7.61
C ARG A 112 -13.02 6.94 -6.11
N PHE A 113 -13.85 5.97 -5.72
CA PHE A 113 -14.04 5.62 -4.32
C PHE A 113 -12.70 5.22 -3.63
N TYR A 114 -12.00 4.26 -4.22
CA TYR A 114 -10.67 3.86 -3.71
C TYR A 114 -9.65 4.99 -3.77
N GLY A 115 -9.64 5.74 -4.87
CA GLY A 115 -8.73 6.86 -5.03
C GLY A 115 -8.91 7.91 -3.93
N ALA A 116 -10.15 8.21 -3.62
CA ALA A 116 -10.44 9.19 -2.56
C ALA A 116 -9.93 8.70 -1.21
N GLU A 117 -10.14 7.42 -0.90
CA GLU A 117 -9.63 6.86 0.35
C GLU A 117 -8.09 6.83 0.43
N ILE A 118 -7.45 6.53 -0.71
CA ILE A 118 -5.99 6.55 -0.73
C ILE A 118 -5.46 7.97 -0.51
N VAL A 119 -6.07 8.94 -1.18
CA VAL A 119 -5.73 10.36 -0.99
C VAL A 119 -5.87 10.75 0.50
N SER A 120 -6.99 10.36 1.11
CA SER A 120 -7.26 10.63 2.52
C SER A 120 -6.07 10.13 3.37
N ALA A 121 -5.68 8.88 3.16
CA ALA A 121 -4.59 8.23 3.90
C ALA A 121 -3.21 8.89 3.68
N LEU A 122 -2.87 9.17 2.41
CA LEU A 122 -1.57 9.78 2.07
C LEU A 122 -1.49 11.22 2.60
N ASP A 123 -2.60 11.95 2.50
CA ASP A 123 -2.69 13.30 3.07
C ASP A 123 -2.38 13.29 4.59
N TYR A 124 -2.98 12.35 5.31
CA TYR A 124 -2.68 12.14 6.73
C TYR A 124 -1.19 11.79 6.97
N LEU A 125 -0.65 10.86 6.17
CA LEU A 125 0.77 10.50 6.29
C LEU A 125 1.70 11.71 6.09
N HIS A 126 1.44 12.51 5.05
CA HIS A 126 2.24 13.69 4.71
C HIS A 126 2.08 14.80 5.77
N SER A 127 0.82 15.21 6.00
CA SER A 127 0.45 16.35 6.88
C SER A 127 0.58 16.13 8.38
N GLU A 128 0.23 14.94 8.85
CA GLU A 128 0.11 14.68 10.29
C GLU A 128 1.30 13.93 10.80
N LYS A 129 1.80 13.01 9.98
CA LYS A 129 2.87 12.12 10.41
C LYS A 129 4.25 12.51 9.82
N ASN A 130 4.26 13.49 8.91
CA ASN A 130 5.46 13.85 8.12
C ASN A 130 6.17 12.64 7.49
N VAL A 131 5.37 11.77 6.88
CA VAL A 131 5.85 10.51 6.29
C VAL A 131 5.52 10.55 4.78
N VAL A 132 6.48 10.12 3.97
CA VAL A 132 6.24 9.82 2.55
C VAL A 132 6.31 8.29 2.37
N TYR A 133 5.29 7.76 1.70
CA TYR A 133 5.04 6.32 1.67
C TYR A 133 5.95 5.58 0.67
N ARG A 134 6.01 6.08 -0.57
CA ARG A 134 7.01 5.66 -1.57
C ARG A 134 6.76 4.33 -2.27
N ASP A 135 5.83 3.50 -1.79
CA ASP A 135 5.62 2.17 -2.40
C ASP A 135 4.15 1.88 -2.75
N LEU A 136 3.41 2.90 -3.18
CA LEU A 136 2.00 2.66 -3.56
C LEU A 136 1.94 1.71 -4.76
N LYS A 137 1.06 0.72 -4.66
CA LYS A 137 0.91 -0.33 -5.69
C LYS A 137 -0.26 -1.18 -5.36
N LEU A 138 -0.77 -1.90 -6.37
CA LEU A 138 -1.92 -2.77 -6.21
C LEU A 138 -1.74 -3.84 -5.10
N GLU A 139 -0.51 -4.34 -4.93
CA GLU A 139 -0.22 -5.38 -3.92
C GLU A 139 -0.32 -4.86 -2.49
N ASN A 140 -0.08 -3.57 -2.31
CA ASN A 140 -0.04 -2.95 -0.95
C ASN A 140 -1.32 -2.24 -0.60
N LEU A 141 -2.37 -2.51 -1.37
CA LEU A 141 -3.68 -1.93 -1.14
C LEU A 141 -4.69 -3.05 -0.92
N MET A 142 -5.24 -3.12 0.30
CA MET A 142 -6.20 -4.19 0.63
C MET A 142 -7.61 -3.67 0.81
N LEU A 143 -8.61 -4.57 0.84
CA LEU A 143 -9.97 -4.18 1.19
C LEU A 143 -10.37 -4.85 2.51
N ASP A 144 -10.94 -4.06 3.40
CA ASP A 144 -11.41 -4.64 4.65
C ASP A 144 -12.79 -5.28 4.45
N LYS A 145 -13.37 -5.80 5.53
CA LYS A 145 -14.63 -6.54 5.44
C LYS A 145 -15.82 -5.71 4.93
N ASP A 146 -15.68 -4.40 5.00
CA ASP A 146 -16.71 -3.49 4.51
C ASP A 146 -16.45 -2.93 3.11
N GLY A 147 -15.27 -3.21 2.57
CA GLY A 147 -14.88 -2.74 1.23
C GLY A 147 -14.07 -1.44 1.21
N HIS A 148 -13.51 -1.08 2.36
CA HIS A 148 -12.67 0.12 2.46
C HIS A 148 -11.20 -0.23 2.27
N ILE A 149 -10.46 0.73 1.72
CA ILE A 149 -9.03 0.61 1.48
C ILE A 149 -8.21 0.47 2.79
N LYS A 150 -7.21 -0.40 2.76
CA LYS A 150 -6.20 -0.47 3.81
C LYS A 150 -4.84 -0.45 3.14
N ILE A 151 -4.07 0.61 3.32
CA ILE A 151 -2.66 0.59 2.89
C ILE A 151 -1.83 -0.33 3.82
N THR A 152 -0.94 -1.14 3.22
CA THR A 152 -0.05 -2.04 3.99
C THR A 152 1.41 -1.69 3.69
N ASP A 153 2.35 -2.31 4.41
CA ASP A 153 3.79 -2.32 4.02
C ASP A 153 4.49 -0.96 4.04
N PHE A 154 4.79 -0.53 5.27
CA PHE A 154 5.35 0.78 5.50
C PHE A 154 6.88 0.80 5.62
N GLY A 155 7.52 -0.30 5.22
CA GLY A 155 8.97 -0.45 5.35
C GLY A 155 9.82 0.50 4.49
N LEU A 156 9.24 1.00 3.39
CA LEU A 156 9.90 1.99 2.53
C LEU A 156 9.58 3.45 2.84
N CYS A 157 8.77 3.71 3.88
CA CYS A 157 8.42 5.07 4.26
C CYS A 157 9.65 5.89 4.62
N LYS A 158 9.63 7.16 4.25
CA LYS A 158 10.58 8.13 4.81
C LYS A 158 9.89 8.91 5.93
N GLU A 159 10.52 8.89 7.11
CA GLU A 159 10.05 9.61 8.28
C GLU A 159 10.71 10.98 8.39
N GLY A 160 10.07 11.88 9.15
CA GLY A 160 10.61 13.21 9.41
C GLY A 160 10.73 14.05 8.16
N ILE A 161 9.78 13.87 7.23
CA ILE A 161 9.77 14.62 5.99
C ILE A 161 8.64 15.65 5.98
N LYS A 162 9.03 16.92 5.99
CA LYS A 162 8.07 18.01 6.12
C LYS A 162 7.57 18.38 4.75
N ASP A 163 7.30 19.67 4.55
CA ASP A 163 6.71 20.13 3.31
C ASP A 163 7.59 19.78 2.13
N GLY A 164 8.38 20.73 1.61
CA GLY A 164 9.25 20.46 0.45
C GLY A 164 10.51 19.66 0.72
N ALA A 165 10.75 19.27 1.97
CA ALA A 165 11.95 18.48 2.29
C ALA A 165 12.15 17.28 1.28
N THR A 166 13.42 16.99 0.95
CA THR A 166 13.76 15.97 -0.08
C THR A 166 14.42 14.69 0.46
N MET A 167 14.51 13.68 -0.41
CA MET A 167 14.94 12.32 -0.07
C MET A 167 15.86 11.83 -1.17
N LYS A 168 16.67 10.82 -0.84
CA LYS A 168 17.73 10.33 -1.74
C LYS A 168 17.63 8.83 -2.11
N TPO A 169 17.07 7.99 -1.24
CA TPO A 169 17.11 6.54 -1.48
CB TPO A 169 16.56 5.76 -0.29
CG2 TPO A 169 16.91 4.27 -0.37
OG1 TPO A 169 17.13 6.31 0.89
P TPO A 169 16.25 7.07 2.03
O1P TPO A 169 15.63 8.26 1.31
O2P TPO A 169 15.35 5.99 2.55
O3P TPO A 169 17.32 7.43 3.04
C TPO A 169 16.42 6.11 -2.76
O TPO A 169 15.29 6.52 -3.06
N PHE A 170 17.13 5.30 -3.56
CA PHE A 170 16.55 4.70 -4.76
C PHE A 170 15.78 3.48 -4.28
N CYS A 171 14.44 3.60 -4.24
CA CYS A 171 13.59 2.55 -3.66
C CYS A 171 12.16 2.70 -4.13
N GLY A 172 11.36 1.66 -3.89
CA GLY A 172 9.98 1.58 -4.34
C GLY A 172 9.75 0.26 -5.04
N THR A 173 8.97 0.29 -6.12
CA THR A 173 8.76 -0.88 -6.97
C THR A 173 9.00 -0.43 -8.41
N PRO A 174 9.85 -1.17 -9.18
CA PRO A 174 10.27 -0.66 -10.51
C PRO A 174 9.14 -0.11 -11.41
N GLU A 175 8.04 -0.84 -11.50
CA GLU A 175 6.93 -0.47 -12.41
C GLU A 175 6.28 0.86 -12.01
N TYR A 176 6.41 1.21 -10.73
CA TYR A 176 5.76 2.38 -10.11
C TYR A 176 6.70 3.57 -9.88
N LEU A 177 7.99 3.44 -10.16
CA LEU A 177 8.96 4.51 -9.87
C LEU A 177 8.69 5.78 -10.68
N ALA A 178 8.73 6.92 -9.97
CA ALA A 178 8.51 8.23 -10.56
C ALA A 178 9.75 8.64 -11.34
N PRO A 179 9.57 9.48 -12.38
CA PRO A 179 10.68 10.00 -13.19
C PRO A 179 11.78 10.63 -12.35
N GLU A 180 11.45 11.47 -11.35
CA GLU A 180 12.50 12.18 -10.60
C GLU A 180 13.38 11.21 -9.81
N VAL A 181 12.79 10.11 -9.37
CA VAL A 181 13.53 9.03 -8.71
C VAL A 181 14.47 8.32 -9.73
N LEU A 182 13.97 8.02 -10.91
CA LEU A 182 14.82 7.41 -11.96
C LEU A 182 15.92 8.36 -12.48
N GLU A 183 15.68 9.68 -12.38
CA GLU A 183 16.66 10.70 -12.77
C GLU A 183 17.84 10.81 -11.82
N ASP A 184 17.76 10.13 -10.66
CA ASP A 184 18.77 10.18 -9.60
C ASP A 184 18.80 11.59 -8.99
N ASN A 185 17.63 12.24 -8.96
CA ASN A 185 17.48 13.53 -8.33
C ASN A 185 17.00 13.36 -6.89
N ASP A 186 17.27 14.35 -6.05
CA ASP A 186 16.62 14.43 -4.74
C ASP A 186 15.12 14.65 -5.08
N TYR A 187 14.23 14.03 -4.31
CA TYR A 187 12.79 14.09 -4.60
C TYR A 187 11.99 14.34 -3.32
N GLY A 188 10.77 14.85 -3.49
CA GLY A 188 9.90 15.18 -2.36
C GLY A 188 8.70 14.27 -2.30
N ARG A 189 7.72 14.67 -1.47
CA ARG A 189 6.52 13.88 -1.22
C ARG A 189 5.64 13.66 -2.47
N ALA A 190 5.80 14.50 -3.50
CA ALA A 190 5.02 14.31 -4.74
C ALA A 190 5.24 12.99 -5.48
N VAL A 191 6.30 12.25 -5.11
CA VAL A 191 6.45 10.87 -5.62
C VAL A 191 5.20 10.04 -5.29
N ASP A 192 4.56 10.30 -4.12
CA ASP A 192 3.34 9.57 -3.73
C ASP A 192 2.17 9.79 -4.69
N TRP A 193 2.07 10.99 -5.26
CA TRP A 193 1.00 11.33 -6.22
C TRP A 193 1.26 10.68 -7.58
N TRP A 194 2.53 10.53 -7.95
CA TRP A 194 2.90 9.70 -9.13
C TRP A 194 2.36 8.27 -8.93
N GLY A 195 2.69 7.67 -7.78
CA GLY A 195 2.19 6.33 -7.43
C GLY A 195 0.68 6.23 -7.42
N LEU A 196 0.01 7.25 -6.87
CA LEU A 196 -1.46 7.33 -6.99
C LEU A 196 -1.89 7.35 -8.46
N GLY A 197 -1.19 8.15 -9.28
CA GLY A 197 -1.53 8.18 -10.71
C GLY A 197 -1.41 6.80 -11.39
N VAL A 198 -0.36 6.05 -11.05
CA VAL A 198 -0.16 4.72 -11.68
C VAL A 198 -1.26 3.75 -11.24
N VAL A 199 -1.57 3.75 -9.93
CA VAL A 199 -2.68 2.95 -9.39
C VAL A 199 -4.07 3.28 -9.99
N MET A 200 -4.39 4.57 -10.10
CA MET A 200 -5.65 5.01 -10.75
C MET A 200 -5.71 4.62 -12.22
N TYR A 201 -4.57 4.76 -12.90
CA TYR A 201 -4.43 4.34 -14.31
C TYR A 201 -4.75 2.84 -14.45
N GLU A 202 -4.09 2.03 -13.63
CA GLU A 202 -4.33 0.60 -13.59
C GLU A 202 -5.80 0.27 -13.35
N MET A 203 -6.40 0.90 -12.33
CA MET A 203 -7.84 0.67 -12.02
C MET A 203 -8.77 0.98 -13.19
N MET A 204 -8.53 2.10 -13.87
CA MET A 204 -9.48 2.57 -14.89
C MET A 204 -9.12 2.10 -16.30
N CYS A 205 -7.84 1.83 -16.53
CA CYS A 205 -7.35 1.41 -17.87
C CYS A 205 -7.03 -0.07 -18.01
N GLY A 206 -6.82 -0.75 -16.89
CA GLY A 206 -6.59 -2.19 -16.92
C GLY A 206 -5.19 -2.63 -17.34
N ARG A 207 -4.24 -1.70 -17.32
CA ARG A 207 -2.83 -2.00 -17.50
C ARG A 207 -2.02 -0.92 -16.81
N LEU A 208 -0.71 -1.16 -16.62
CA LEU A 208 0.20 -0.10 -16.18
C LEU A 208 0.39 0.90 -17.30
N PRO A 209 0.63 2.19 -16.96
CA PRO A 209 0.84 3.21 -18.01
C PRO A 209 2.15 2.99 -18.75
N PHE A 210 3.13 2.39 -18.07
CA PHE A 210 4.42 2.04 -18.66
C PHE A 210 4.78 0.63 -18.29
N TYR A 211 5.08 -0.18 -19.32
CA TYR A 211 5.46 -1.58 -19.03
C TYR A 211 6.39 -2.18 -20.06
N ASN A 212 7.48 -2.74 -19.54
CA ASN A 212 8.35 -3.68 -20.25
C ASN A 212 8.88 -4.64 -19.18
N GLN A 213 9.05 -5.91 -19.54
CA GLN A 213 9.70 -6.89 -18.64
C GLN A 213 11.15 -6.50 -18.34
N ASP A 214 11.79 -5.81 -19.27
CA ASP A 214 13.16 -5.36 -19.10
C ASP A 214 13.16 -4.01 -18.39
N HIS A 215 13.92 -3.89 -17.29
CA HIS A 215 13.88 -2.68 -16.45
C HIS A 215 14.45 -1.46 -17.11
N GLU A 216 15.50 -1.66 -17.91
CA GLU A 216 16.07 -0.57 -18.66
C GLU A 216 15.11 -0.02 -19.71
N LYS A 217 14.39 -0.91 -20.41
CA LYS A 217 13.34 -0.48 -21.34
C LYS A 217 12.18 0.18 -20.54
N LEU A 218 11.82 -0.44 -19.43
CA LEU A 218 10.75 0.10 -18.54
C LEU A 218 11.08 1.53 -18.07
N PHE A 219 12.30 1.73 -17.57
CA PHE A 219 12.75 3.02 -17.05
C PHE A 219 12.77 4.05 -18.16
N GLU A 220 13.17 3.63 -19.37
CA GLU A 220 13.13 4.50 -20.53
C GLU A 220 11.71 4.97 -20.89
N LEU A 221 10.74 4.06 -20.83
CA LEU A 221 9.35 4.40 -21.07
C LEU A 221 8.88 5.45 -20.05
N ILE A 222 9.12 5.17 -18.78
CA ILE A 222 8.75 6.10 -17.69
C ILE A 222 9.31 7.51 -17.91
N LEU A 223 10.57 7.61 -18.30
CA LEU A 223 11.19 8.90 -18.53
C LEU A 223 10.79 9.59 -19.84
N MET A 224 10.48 8.81 -20.87
CA MET A 224 10.37 9.33 -22.25
C MET A 224 8.98 9.41 -22.84
N GLU A 225 8.11 8.46 -22.49
CA GLU A 225 6.83 8.26 -23.17
C GLU A 225 5.68 9.01 -22.47
N GLU A 226 4.81 9.64 -23.26
CA GLU A 226 3.55 10.22 -22.76
C GLU A 226 2.56 9.07 -22.53
N ILE A 227 1.64 9.22 -21.57
CA ILE A 227 0.71 8.13 -21.26
C ILE A 227 -0.32 8.03 -22.40
N ARG A 228 -0.76 6.80 -22.67
CA ARG A 228 -1.84 6.55 -23.65
C ARG A 228 -3.15 6.58 -22.91
N PHE A 229 -4.20 7.01 -23.60
CA PHE A 229 -5.51 7.12 -23.01
C PHE A 229 -6.53 6.31 -23.80
N PRO A 230 -6.97 5.15 -23.26
CA PRO A 230 -8.06 4.37 -23.85
C PRO A 230 -9.28 5.27 -24.13
N ARG A 231 -9.97 4.99 -25.23
CA ARG A 231 -11.07 5.82 -25.69
C ARG A 231 -12.32 5.74 -24.81
N THR A 232 -12.36 4.77 -23.90
CA THR A 232 -13.44 4.64 -22.91
C THR A 232 -13.35 5.68 -21.77
N LEU A 233 -12.18 6.28 -21.58
CA LEU A 233 -11.93 7.17 -20.44
C LEU A 233 -12.68 8.51 -20.62
N GLY A 234 -13.42 8.90 -19.59
CA GLY A 234 -14.04 10.24 -19.58
C GLY A 234 -13.01 11.37 -19.43
N PRO A 235 -13.44 12.61 -19.70
CA PRO A 235 -12.52 13.74 -19.73
C PRO A 235 -11.91 14.08 -18.35
N GLU A 236 -12.72 14.01 -17.30
CA GLU A 236 -12.16 14.29 -15.99
C GLU A 236 -11.17 13.22 -15.51
N ALA A 237 -11.44 11.94 -15.83
CA ALA A 237 -10.46 10.84 -15.57
C ALA A 237 -9.16 11.09 -16.32
N LYS A 238 -9.26 11.40 -17.62
CA LYS A 238 -8.10 11.74 -18.42
C LYS A 238 -7.30 12.88 -17.81
N SER A 239 -8.00 13.94 -17.39
CA SER A 239 -7.35 15.11 -16.79
C SER A 239 -6.63 14.74 -15.49
N LEU A 240 -7.28 13.94 -14.64
CA LEU A 240 -6.70 13.51 -13.37
C LEU A 240 -5.41 12.72 -13.59
N LEU A 241 -5.50 11.70 -14.45
CA LEU A 241 -4.35 10.83 -14.79
C LEU A 241 -3.21 11.62 -15.42
N SER A 242 -3.59 12.54 -16.31
CA SER A 242 -2.64 13.42 -16.96
C SER A 242 -1.89 14.28 -15.92
N GLY A 243 -2.62 14.82 -14.94
CA GLY A 243 -2.01 15.64 -13.89
C GLY A 243 -1.19 14.86 -12.87
N LEU A 244 -1.62 13.66 -12.50
CA LEU A 244 -0.87 12.86 -11.55
C LEU A 244 0.40 12.27 -12.17
N LEU A 245 0.38 12.07 -13.49
CA LEU A 245 1.53 11.43 -14.18
C LEU A 245 2.39 12.42 -14.97
N LYS A 246 2.30 13.69 -14.58
CA LYS A 246 3.29 14.68 -14.96
C LYS A 246 4.66 14.20 -14.52
N LYS A 247 5.62 14.20 -15.46
CA LYS A 247 6.96 13.72 -15.18
C LYS A 247 7.78 14.67 -14.28
N ASP A 248 7.60 15.97 -14.48
CA ASP A 248 8.18 16.95 -13.57
C ASP A 248 7.30 17.06 -12.31
N PRO A 249 7.84 16.69 -11.13
CA PRO A 249 7.06 16.74 -9.87
C PRO A 249 6.54 18.13 -9.49
N LYS A 250 7.25 19.17 -9.95
CA LYS A 250 6.83 20.57 -9.72
C LYS A 250 5.55 20.92 -10.46
N GLN A 251 5.29 20.22 -11.57
CA GLN A 251 4.08 20.39 -12.36
C GLN A 251 2.98 19.36 -12.07
N ARG A 252 3.31 18.38 -11.24
CA ARG A 252 2.35 17.30 -10.92
C ARG A 252 1.20 17.85 -10.05
N LEU A 253 0.01 17.32 -10.25
CA LEU A 253 -1.11 17.51 -9.36
C LEU A 253 -0.72 17.00 -7.96
N GLY A 254 -0.79 17.91 -6.97
CA GLY A 254 -0.30 17.65 -5.65
C GLY A 254 1.17 17.96 -5.41
N GLY A 255 1.86 18.49 -6.42
CA GLY A 255 3.31 18.72 -6.33
C GLY A 255 3.70 20.08 -5.72
N GLY A 256 2.71 20.91 -5.37
CA GLY A 256 2.98 22.23 -4.76
C GLY A 256 2.82 22.23 -3.25
N SER A 257 2.74 23.43 -2.65
CA SER A 257 2.72 23.56 -1.18
C SER A 257 1.45 22.94 -0.58
N GLU A 258 0.38 22.97 -1.36
CA GLU A 258 -0.92 22.47 -0.89
C GLU A 258 -1.03 20.93 -0.91
N ASP A 259 -0.06 20.26 -1.55
CA ASP A 259 0.03 18.79 -1.53
C ASP A 259 -1.34 18.19 -1.92
N ALA A 260 -1.90 17.33 -1.07
CA ALA A 260 -3.15 16.60 -1.40
C ALA A 260 -4.37 17.50 -1.65
N LYS A 261 -4.40 18.69 -1.04
CA LYS A 261 -5.49 19.66 -1.23
C LYS A 261 -5.73 19.95 -2.70
N GLU A 262 -4.67 19.94 -3.51
CA GLU A 262 -4.81 20.17 -4.95
C GLU A 262 -5.52 19.01 -5.68
N ILE A 263 -5.22 17.79 -5.28
CA ILE A 263 -5.92 16.62 -5.84
C ILE A 263 -7.40 16.60 -5.43
N MET A 264 -7.66 16.88 -4.16
CA MET A 264 -9.01 16.85 -3.60
C MET A 264 -9.94 17.82 -4.35
N GLN A 265 -9.38 18.94 -4.81
CA GLN A 265 -10.15 19.95 -5.56
C GLN A 265 -10.38 19.63 -7.04
N HIS A 266 -9.73 18.56 -7.54
CA HIS A 266 -9.74 18.27 -8.98
C HIS A 266 -11.17 17.81 -9.36
N ARG A 267 -11.66 18.18 -10.54
CA ARG A 267 -13.07 17.88 -10.92
C ARG A 267 -13.44 16.40 -11.01
N PHE A 268 -12.43 15.54 -11.23
CA PHE A 268 -12.67 14.09 -11.11
C PHE A 268 -13.30 13.72 -9.76
N PHE A 269 -12.94 14.47 -8.71
CA PHE A 269 -13.45 14.23 -7.36
C PHE A 269 -14.63 15.16 -6.98
N ALA A 270 -15.23 15.81 -7.98
CA ALA A 270 -16.32 16.77 -7.75
C ALA A 270 -17.48 16.25 -6.90
N GLY A 271 -17.86 14.99 -7.00
CA GLY A 271 -18.96 14.50 -6.14
C GLY A 271 -18.64 14.46 -4.64
N ILE A 272 -17.34 14.40 -4.34
CA ILE A 272 -16.84 13.81 -3.11
C ILE A 272 -16.77 14.79 -1.95
N VAL A 273 -17.40 14.41 -0.83
CA VAL A 273 -17.25 15.17 0.42
C VAL A 273 -16.17 14.48 1.20
N TRP A 274 -15.03 15.15 1.32
CA TRP A 274 -13.83 14.57 1.94
C TRP A 274 -14.03 14.19 3.40
N GLN A 275 -14.84 14.97 4.12
CA GLN A 275 -15.12 14.60 5.50
C GLN A 275 -15.93 13.32 5.56
N HIS A 276 -16.88 13.14 4.63
CA HIS A 276 -17.61 11.85 4.54
C HIS A 276 -16.73 10.64 4.18
N VAL A 277 -15.72 10.87 3.32
CA VAL A 277 -14.71 9.81 2.97
C VAL A 277 -14.05 9.34 4.26
N TYR A 278 -13.53 10.28 5.04
CA TYR A 278 -12.87 9.99 6.29
C TYR A 278 -13.79 9.30 7.31
N GLU A 279 -15.01 9.84 7.45
CA GLU A 279 -16.01 9.28 8.38
C GLU A 279 -16.67 7.99 7.87
N LYS A 280 -16.26 7.57 6.67
CA LYS A 280 -16.74 6.33 6.03
C LYS A 280 -18.27 6.33 5.86
N LYS A 281 -18.79 7.47 5.44
CA LYS A 281 -20.23 7.64 5.27
C LYS A 281 -20.66 7.46 3.82
N LEU A 282 -19.70 7.16 2.95
CA LEU A 282 -19.94 6.84 1.54
C LEU A 282 -19.99 5.32 1.32
N SER A 283 -21.07 4.89 0.67
CA SER A 283 -21.34 3.47 0.36
C SER A 283 -20.22 2.79 -0.46
N PRO A 284 -19.59 1.75 0.09
CA PRO A 284 -18.55 1.09 -0.72
C PRO A 284 -19.11 0.41 -1.97
N PRO A 285 -18.34 0.41 -3.08
CA PRO A 285 -18.80 -0.21 -4.32
C PRO A 285 -18.79 -1.75 -4.30
N PHE A 286 -17.98 -2.33 -3.42
CA PHE A 286 -17.86 -3.78 -3.32
C PHE A 286 -17.66 -4.17 -1.87
N LYS A 287 -18.48 -5.10 -1.39
CA LYS A 287 -18.30 -5.65 -0.04
C LYS A 287 -17.85 -7.11 -0.17
N PRO A 288 -16.69 -7.46 0.41
CA PRO A 288 -16.20 -8.84 0.27
C PRO A 288 -17.26 -9.89 0.67
N GLN A 289 -17.47 -10.87 -0.20
CA GLN A 289 -18.51 -11.89 -0.03
C GLN A 289 -17.89 -13.11 0.65
N VAL A 290 -17.89 -13.11 1.97
CA VAL A 290 -17.31 -14.20 2.77
C VAL A 290 -18.43 -14.95 3.51
N THR A 291 -18.22 -16.26 3.69
CA THR A 291 -19.20 -17.12 4.37
C THR A 291 -18.87 -17.35 5.87
N SER A 292 -17.66 -16.96 6.28
CA SER A 292 -17.20 -17.08 7.69
C SER A 292 -16.03 -16.13 7.97
N GLU A 293 -15.52 -16.21 9.20
CA GLU A 293 -14.38 -15.44 9.65
C GLU A 293 -13.09 -15.92 8.99
N THR A 294 -13.07 -17.21 8.65
CA THR A 294 -11.91 -17.89 8.09
C THR A 294 -12.01 -18.13 6.57
N ASP A 295 -13.00 -17.51 5.93
CA ASP A 295 -13.13 -17.59 4.48
C ASP A 295 -12.02 -16.75 3.83
N THR A 296 -10.99 -17.41 3.29
CA THR A 296 -9.89 -16.73 2.61
C THR A 296 -9.98 -16.80 1.08
N ARG A 297 -11.19 -16.67 0.56
CA ARG A 297 -11.44 -16.74 -0.90
C ARG A 297 -10.76 -15.61 -1.71
N TYR A 298 -10.41 -14.52 -1.02
CA TYR A 298 -9.75 -13.38 -1.66
C TYR A 298 -8.23 -13.39 -1.51
N PHE A 299 -7.71 -14.57 -1.18
CA PHE A 299 -6.27 -14.84 -1.19
C PHE A 299 -6.01 -16.04 -2.10
N ASP A 300 -4.86 -16.04 -2.77
CA ASP A 300 -4.52 -17.07 -3.77
C ASP A 300 -4.54 -18.49 -3.19
N GLU A 301 -5.27 -19.38 -3.86
CA GLU A 301 -5.29 -20.81 -3.52
C GLU A 301 -3.90 -21.38 -3.32
N GLU A 302 -2.98 -20.92 -4.17
CA GLU A 302 -1.55 -21.21 -4.11
C GLU A 302 -0.98 -21.12 -2.69
N PHE A 303 -1.53 -20.20 -1.87
CA PHE A 303 -1.10 -20.00 -0.49
C PHE A 303 -2.04 -20.65 0.52
N THR A 304 -3.35 -20.46 0.33
CA THR A 304 -4.36 -20.91 1.31
C THR A 304 -4.51 -22.45 1.44
N ALA A 305 -4.15 -23.18 0.38
CA ALA A 305 -4.20 -24.66 0.35
C ALA A 305 -3.00 -25.33 1.06
N GLN A 306 -1.98 -24.55 1.41
CA GLN A 306 -0.77 -25.01 2.11
C GLN A 306 -0.99 -25.20 3.61
N MET A 307 -0.34 -26.21 4.19
CA MET A 307 -0.40 -26.49 5.64
C MET A 307 0.68 -25.67 6.38
N ILE A 308 0.37 -25.19 7.57
CA ILE A 308 1.31 -24.37 8.36
C ILE A 308 2.33 -25.25 9.12
N THR A 309 3.55 -24.76 9.29
CA THR A 309 4.65 -25.51 9.91
C THR A 309 4.92 -25.07 11.36
N ARG A 327 20.57 -13.18 13.28
CA ARG A 327 20.27 -13.71 14.62
C ARG A 327 19.91 -12.68 15.73
N PRO A 328 20.06 -11.35 15.45
CA PRO A 328 20.05 -10.35 16.55
C PRO A 328 18.70 -9.96 17.17
N HIS A 329 18.79 -9.34 18.36
CA HIS A 329 17.66 -8.68 19.00
C HIS A 329 17.34 -7.37 18.29
N PHE A 330 16.06 -7.19 17.97
CA PHE A 330 15.58 -5.95 17.36
C PHE A 330 15.14 -5.01 18.49
N PRO A 331 15.94 -3.94 18.76
CA PRO A 331 15.69 -3.15 19.96
C PRO A 331 14.40 -2.36 19.84
N GLN A 332 13.66 -2.26 20.94
CA GLN A 332 12.42 -1.45 20.98
C GLN A 332 11.37 -1.83 19.92
N PHE A 333 11.40 -3.08 19.46
CA PHE A 333 10.44 -3.61 18.50
C PHE A 333 9.08 -3.92 19.14
N ASP A 334 9.11 -4.70 20.23
CA ASP A 334 7.90 -5.21 20.89
C ASP A 334 6.90 -4.11 21.22
N TYR A 335 5.62 -4.41 20.99
CA TYR A 335 4.57 -3.40 21.10
C TYR A 335 3.21 -4.04 21.38
N SER A 336 2.36 -3.31 22.10
CA SER A 336 0.94 -3.67 22.27
C SER A 336 0.11 -2.39 22.23
N ALA A 337 -0.91 -2.36 21.37
CA ALA A 337 -1.84 -1.22 21.27
C ALA A 337 -2.67 -0.99 22.56
N SER A 338 -3.16 0.24 22.78
CA SER A 338 -3.86 0.57 24.03
C SER A 338 -5.37 0.87 23.93
N SER A 339 -5.73 1.90 23.15
CA SER A 339 -7.10 2.48 23.15
C SER A 339 -8.04 2.05 21.99
N GLY B 1 -3.80 -9.94 -15.14
CA GLY B 1 -2.86 -9.17 -16.02
C GLY B 1 -1.41 -9.33 -15.60
N ARG B 2 -0.76 -8.22 -15.26
CA ARG B 2 0.67 -8.20 -14.96
C ARG B 2 1.07 -9.19 -13.85
N PRO B 3 2.32 -9.71 -13.91
CA PRO B 3 2.77 -10.52 -12.77
C PRO B 3 2.98 -9.66 -11.52
N ARG B 4 2.87 -10.28 -10.36
CA ARG B 4 3.25 -9.68 -9.11
C ARG B 4 4.59 -8.94 -9.17
N THR B 5 4.63 -7.76 -8.56
CA THR B 5 5.85 -6.94 -8.57
C THR B 5 6.62 -7.08 -7.24
N THR B 6 7.84 -6.57 -7.20
CA THR B 6 8.71 -6.71 -6.02
C THR B 6 9.29 -5.37 -5.61
N SER B 7 9.03 -5.01 -4.36
CA SER B 7 9.54 -3.78 -3.77
C SER B 7 11.04 -3.98 -3.55
N PHE B 8 11.80 -2.90 -3.50
CA PHE B 8 13.26 -2.99 -3.32
C PHE B 8 13.75 -1.66 -2.75
N ALA B 9 14.98 -1.67 -2.24
CA ALA B 9 15.77 -0.47 -2.01
C ALA B 9 17.24 -0.77 -2.33
N GLU B 10 17.94 0.23 -2.82
CA GLU B 10 19.36 0.04 -3.01
C GLU B 10 20.15 0.55 -1.82
C1 SMR C . 0.20 -9.06 2.56
C2 SMR C . -0.78 -8.22 1.67
C3 SMR C . -0.23 -6.81 1.33
C4 SMR C . 1.22 -6.93 0.77
C5 SMR C . 1.60 -9.16 1.91
O6 SMR C . 0.39 -8.41 3.83
C7 SMR C . -0.72 -8.24 4.66
C8 SMR C . -1.82 -9.13 4.54
C9 SMR C . -1.82 -10.28 3.52
C10 SMR C . -0.42 -10.47 2.85
C11 SMR C . -0.70 -7.18 5.61
C12 SMR C . -1.81 -6.95 6.48
C13 SMR C . -2.90 -7.85 6.33
C14 SMR C . -2.92 -8.90 5.40
N15 SMR C . -4.09 -7.89 7.00
N16 SMR C . -4.85 -8.95 6.51
C17 SMR C . -4.18 -9.58 5.55
C18 SMR C . 3.52 -7.82 1.03
C19 SMR C . 4.56 -8.41 2.01
C20 SMR C . 6.00 -8.07 1.54
O21 SMR C . 4.26 -7.87 3.32
N22 SMR C . 7.15 -8.93 2.00
C23 SMR C . 8.35 -8.06 2.27
C24 SMR C . 8.31 -7.30 3.61
C25 SMR C . 5.80 -11.40 1.49
C26 SMR C . 5.40 -11.76 2.80
C27 SMR C . 4.15 -12.40 3.02
C28 SMR C . 3.31 -12.66 1.92
C29 SMR C . 3.70 -12.31 0.60
C30 SMR C . 4.94 -11.67 0.38
C31 SMR C . 5.28 -11.30 -1.04
C32 SMR C . 6.28 -11.49 4.01
O33 SMR C . 9.49 -7.58 4.39
C34 SMR C . 10.75 -5.82 5.53
C35 SMR C . 10.57 -6.66 4.23
S36 SMR C . 7.43 -10.55 1.29
O37 SMR C . 7.74 -10.32 -0.15
O38 SMR C . 8.46 -11.27 2.05
N39 SMR C . 2.14 -7.78 1.60
#